data_5ZC1
#
_entry.id   5ZC1
#
_cell.length_a   62.450
_cell.length_b   56.996
_cell.length_c   101.134
_cell.angle_alpha   90.000
_cell.angle_beta   99.060
_cell.angle_gamma   90.000
#
_symmetry.space_group_name_H-M   'P 1 21 1'
#
loop_
_entity.id
_entity.type
_entity.pdbx_description
1 polymer Cystatin-1
2 water water
#
_entity_poly.entity_id   1
_entity_poly.type   'polypeptide(L)'
_entity_poly.pdbx_seq_one_letter_code
;MTSTRLAFAWRELFSVFCYLLYTSDILAERHNNHPVMPICGGISAARIPTADEKKKLEPVLLQSLYAHLGSKPTSAEVVL
VATQVVAGTNYFAKVKVNNDHYIHTRVYEQLPCYGGALELHSVQMNKTDTDPLDYF
;
_entity_poly.pdbx_strand_id   A,B,C,D,E,F
#
# COMPACT_ATOMS: atom_id res chain seq x y z
N VAL A 36 -36.11 -26.86 -4.63
CA VAL A 36 -35.34 -27.97 -5.18
C VAL A 36 -33.84 -27.76 -4.95
N MET A 37 -33.40 -26.39 -4.74
CA MET A 37 -32.06 -25.80 -4.67
C MET A 37 -31.64 -25.51 -3.22
N PRO A 38 -30.34 -25.60 -2.92
CA PRO A 38 -29.89 -25.37 -1.54
C PRO A 38 -29.97 -23.91 -1.12
N ILE A 39 -30.00 -23.68 0.18
CA ILE A 39 -29.88 -22.31 0.69
C ILE A 39 -28.41 -22.01 0.89
N CYS A 40 -27.76 -22.79 1.76
CA CYS A 40 -26.34 -22.60 2.03
C CYS A 40 -25.54 -22.64 0.73
N GLY A 41 -24.71 -21.60 0.52
CA GLY A 41 -23.71 -21.58 -0.53
C GLY A 41 -24.21 -21.15 -1.90
N GLY A 42 -25.48 -20.82 -2.06
CA GLY A 42 -25.99 -20.45 -3.38
C GLY A 42 -25.69 -18.99 -3.71
N ILE A 43 -25.37 -18.74 -4.98
CA ILE A 43 -24.99 -17.41 -5.45
C ILE A 43 -26.18 -16.78 -6.19
N SER A 44 -26.57 -15.59 -5.75
CA SER A 44 -27.63 -14.83 -6.40
C SER A 44 -27.24 -14.39 -7.81
N ALA A 45 -28.26 -14.02 -8.60
CA ALA A 45 -28.02 -13.45 -9.92
C ALA A 45 -27.17 -12.18 -9.84
N ALA A 46 -26.22 -12.06 -10.77
CA ALA A 46 -25.47 -10.81 -10.92
C ALA A 46 -26.41 -9.64 -11.19
N ARG A 47 -26.30 -8.59 -10.40
CA ARG A 47 -27.19 -7.45 -10.52
C ARG A 47 -26.43 -6.18 -10.17
N ILE A 48 -27.17 -5.11 -10.03
CA ILE A 48 -26.61 -3.76 -9.93
C ILE A 48 -26.49 -3.45 -8.46
N PRO A 49 -25.36 -2.94 -8.01
CA PRO A 49 -25.18 -2.66 -6.57
C PRO A 49 -26.16 -1.61 -6.09
N THR A 50 -26.19 -1.45 -4.78
CA THR A 50 -26.91 -0.37 -4.13
C THR A 50 -25.91 0.66 -3.63
N ALA A 51 -26.44 1.82 -3.25
CA ALA A 51 -25.56 2.89 -2.75
C ALA A 51 -24.83 2.46 -1.49
N ASP A 52 -25.39 1.54 -0.72
CA ASP A 52 -24.69 1.08 0.46
C ASP A 52 -23.70 -0.04 0.15
N GLU A 53 -23.97 -0.84 -0.88
CA GLU A 53 -22.98 -1.83 -1.30
C GLU A 53 -21.71 -1.16 -1.85
N LYS A 54 -21.87 -0.10 -2.65
CA LYS A 54 -20.69 0.61 -3.16
C LYS A 54 -19.91 1.25 -2.03
N LYS A 55 -20.59 1.93 -1.11
CA LYS A 55 -19.89 2.53 0.02
C LYS A 55 -19.23 1.46 0.88
N LYS A 56 -19.85 0.28 0.98
CA LYS A 56 -19.25 -0.83 1.71
C LYS A 56 -17.98 -1.30 1.02
N LEU A 57 -18.03 -1.51 -0.29
CA LEU A 57 -17.04 -2.35 -0.95
C LEU A 57 -15.82 -1.56 -1.44
N GLU A 58 -16.09 -0.44 -2.13
CA GLU A 58 -15.01 0.28 -2.81
C GLU A 58 -13.91 0.74 -1.86
N PRO A 59 -14.19 1.36 -0.71
CA PRO A 59 -13.07 1.72 0.17
C PRO A 59 -12.21 0.53 0.50
N VAL A 60 -12.83 -0.64 0.69
CA VAL A 60 -12.08 -1.87 0.93
C VAL A 60 -11.27 -2.24 -0.30
N LEU A 61 -11.85 -2.13 -1.48
CA LEU A 61 -11.07 -2.46 -2.68
C LEU A 61 -9.88 -1.51 -2.84
N LEU A 62 -10.08 -0.20 -2.58
CA LEU A 62 -8.97 0.72 -2.75
C LEU A 62 -7.79 0.38 -1.83
N GLN A 63 -8.08 -0.18 -0.65
CA GLN A 63 -7.01 -0.43 0.32
C GLN A 63 -6.30 -1.76 0.09
N SER A 64 -6.98 -2.76 -0.45
CA SER A 64 -6.45 -4.12 -0.48
C SER A 64 -6.01 -4.57 -1.86
N LEU A 65 -6.33 -3.81 -2.92
CA LEU A 65 -6.12 -4.36 -4.25
C LEU A 65 -4.64 -4.47 -4.63
N TYR A 66 -3.73 -3.70 -4.00
CA TYR A 66 -2.32 -3.75 -4.40
C TYR A 66 -1.70 -5.12 -4.16
N ALA A 67 -2.11 -5.81 -3.08
CA ALA A 67 -1.52 -7.11 -2.83
C ALA A 67 -1.90 -8.10 -3.91
N HIS A 68 -2.98 -7.82 -4.64
CA HIS A 68 -3.46 -8.72 -5.68
C HIS A 68 -3.07 -8.28 -7.07
N LEU A 69 -3.10 -6.97 -7.36
CA LEU A 69 -2.86 -6.47 -8.70
C LEU A 69 -1.42 -6.03 -8.94
N GLY A 70 -0.65 -5.80 -7.89
CA GLY A 70 0.71 -5.36 -8.04
C GLY A 70 0.87 -3.88 -8.32
N SER A 71 -0.22 -3.12 -8.37
CA SER A 71 -0.18 -1.67 -8.35
C SER A 71 -1.34 -1.18 -7.51
N LYS A 72 -1.24 0.04 -7.09
CA LYS A 72 -2.33 0.63 -6.32
C LYS A 72 -3.32 1.29 -7.25
N PRO A 73 -4.62 0.98 -7.17
CA PRO A 73 -5.58 1.56 -8.11
C PRO A 73 -5.86 3.01 -7.75
N THR A 74 -6.11 3.83 -8.76
CA THR A 74 -6.53 5.19 -8.45
C THR A 74 -8.03 5.26 -8.29
N SER A 75 -8.75 4.31 -8.88
CA SER A 75 -10.17 4.17 -8.66
C SER A 75 -10.56 2.70 -8.82
N ALA A 76 -11.67 2.32 -8.17
CA ALA A 76 -12.18 0.94 -8.24
C ALA A 76 -13.69 0.97 -7.99
N GLU A 77 -14.46 0.77 -9.06
CA GLU A 77 -15.90 1.00 -9.11
C GLU A 77 -16.61 -0.34 -9.20
N VAL A 78 -17.48 -0.62 -8.24
CA VAL A 78 -18.31 -1.81 -8.28
C VAL A 78 -19.43 -1.57 -9.30
N VAL A 79 -19.38 -2.28 -10.41
CA VAL A 79 -20.37 -2.07 -11.46
C VAL A 79 -21.45 -3.13 -11.44
N LEU A 80 -21.13 -4.31 -10.89
CA LEU A 80 -22.07 -5.42 -10.78
C LEU A 80 -21.69 -6.24 -9.57
N VAL A 81 -22.71 -6.78 -8.91
CA VAL A 81 -22.52 -7.54 -7.68
C VAL A 81 -23.44 -8.75 -7.66
N ALA A 82 -22.95 -9.82 -7.04
CA ALA A 82 -23.69 -11.03 -6.76
C ALA A 82 -23.30 -11.51 -5.37
N THR A 83 -24.24 -12.12 -4.67
CA THR A 83 -24.10 -12.44 -3.25
C THR A 83 -24.23 -13.94 -3.02
N GLN A 84 -23.25 -14.50 -2.31
CA GLN A 84 -23.29 -15.89 -1.88
C GLN A 84 -23.58 -15.92 -0.39
N VAL A 85 -24.68 -16.60 -0.03
CA VAL A 85 -25.00 -16.88 1.35
C VAL A 85 -24.08 -17.96 1.88
N VAL A 86 -23.51 -17.70 3.04
CA VAL A 86 -22.39 -18.43 3.61
C VAL A 86 -22.62 -18.16 5.10
N ALA A 87 -21.69 -18.49 6.00
CA ALA A 87 -21.85 -17.98 7.36
C ALA A 87 -21.30 -16.55 7.36
N GLY A 88 -22.17 -15.60 7.06
CA GLY A 88 -21.75 -14.33 6.49
C GLY A 88 -22.03 -14.30 5.00
N THR A 89 -21.46 -13.30 4.32
CA THR A 89 -21.77 -13.01 2.91
C THR A 89 -20.50 -12.88 2.09
N ASN A 90 -20.40 -13.66 1.01
CA ASN A 90 -19.38 -13.46 -0.01
C ASN A 90 -19.95 -12.56 -1.10
N TYR A 91 -19.40 -11.36 -1.22
CA TYR A 91 -19.74 -10.47 -2.33
C TYR A 91 -18.80 -10.75 -3.49
N PHE A 92 -19.35 -11.14 -4.63
CA PHE A 92 -18.59 -11.17 -5.87
C PHE A 92 -18.93 -9.94 -6.69
N ALA A 93 -17.89 -9.30 -7.24
CA ALA A 93 -18.13 -8.01 -7.89
C ALA A 93 -17.33 -7.87 -9.16
N LYS A 94 -17.98 -7.26 -10.13
CA LYS A 94 -17.31 -6.76 -11.32
C LYS A 94 -16.90 -5.32 -11.03
N VAL A 95 -15.61 -5.04 -11.22
CA VAL A 95 -15.02 -3.83 -10.67
C VAL A 95 -14.26 -3.11 -11.78
N LYS A 96 -14.69 -1.90 -12.08
CA LYS A 96 -13.98 -1.04 -13.02
C LYS A 96 -12.79 -0.39 -12.31
N VAL A 97 -11.58 -0.71 -12.75
CA VAL A 97 -10.36 -0.21 -12.10
C VAL A 97 -9.71 0.88 -12.94
N ASN A 98 -9.45 2.03 -12.32
CA ASN A 98 -8.83 3.19 -12.95
C ASN A 98 -9.63 3.70 -14.15
N ASN A 99 -10.93 3.45 -14.16
CA ASN A 99 -11.83 3.68 -15.30
C ASN A 99 -11.26 3.11 -16.61
N ASP A 100 -10.39 2.12 -16.54
CA ASP A 100 -9.70 1.58 -17.71
C ASP A 100 -10.11 0.16 -18.04
N HIS A 101 -10.25 -0.71 -17.03
CA HIS A 101 -10.38 -2.14 -17.26
C HIS A 101 -11.24 -2.75 -16.15
N TYR A 102 -11.43 -4.05 -16.24
CA TYR A 102 -12.34 -4.75 -15.34
C TYR A 102 -11.62 -5.90 -14.67
N ILE A 103 -11.96 -6.13 -13.40
CA ILE A 103 -11.60 -7.32 -12.65
C ILE A 103 -12.85 -7.80 -11.94
N HIS A 104 -12.79 -9.04 -11.45
CA HIS A 104 -13.77 -9.56 -10.53
C HIS A 104 -13.13 -9.82 -9.17
N THR A 105 -13.86 -9.49 -8.12
CA THR A 105 -13.34 -9.52 -6.77
C THR A 105 -14.24 -10.39 -5.90
N ARG A 106 -13.63 -11.08 -4.94
CA ARG A 106 -14.35 -11.80 -3.90
C ARG A 106 -14.04 -11.16 -2.56
N VAL A 107 -15.07 -10.66 -1.90
CA VAL A 107 -14.94 -9.94 -0.64
C VAL A 107 -15.88 -10.62 0.36
N TYR A 108 -15.33 -11.03 1.50
CA TYR A 108 -16.09 -11.73 2.51
C TYR A 108 -16.54 -10.72 3.53
N GLU A 109 -17.82 -10.75 3.89
CA GLU A 109 -18.34 -9.90 4.95
C GLU A 109 -18.69 -10.75 6.17
N GLN A 110 -18.08 -10.44 7.31
CA GLN A 110 -18.37 -11.11 8.57
C GLN A 110 -19.81 -10.87 8.99
N LEU A 111 -20.38 -11.87 9.66
CA LEU A 111 -21.60 -11.67 10.42
C LEU A 111 -21.42 -10.50 11.38
N PRO A 112 -22.48 -9.75 11.69
CA PRO A 112 -22.36 -8.64 12.66
C PRO A 112 -21.77 -9.04 14.01
N CYS A 113 -22.08 -10.22 14.55
CA CYS A 113 -21.50 -10.57 15.83
C CYS A 113 -20.00 -10.86 15.72
N TYR A 114 -19.50 -11.26 14.54
CA TYR A 114 -18.04 -11.39 14.41
C TYR A 114 -17.35 -10.08 14.17
N GLY A 115 -18.06 -8.95 14.30
CA GLY A 115 -17.50 -7.63 14.13
C GLY A 115 -17.99 -6.92 12.89
N GLY A 116 -18.28 -7.67 11.82
CA GLY A 116 -18.79 -7.07 10.61
C GLY A 116 -17.76 -6.54 9.62
N ALA A 117 -16.48 -6.76 9.85
CA ALA A 117 -15.44 -6.35 8.92
C ALA A 117 -15.67 -6.96 7.54
N LEU A 118 -15.17 -6.29 6.51
CA LEU A 118 -15.18 -6.85 5.14
C LEU A 118 -13.73 -7.06 4.72
N GLU A 119 -13.44 -8.17 4.05
CA GLU A 119 -12.06 -8.41 3.67
C GLU A 119 -12.00 -9.01 2.26
N LEU A 120 -11.03 -8.51 1.49
CA LEU A 120 -10.79 -8.98 0.12
C LEU A 120 -10.10 -10.33 0.17
N HIS A 121 -10.70 -11.31 -0.49
CA HIS A 121 -10.22 -12.69 -0.44
C HIS A 121 -9.40 -13.05 -1.66
N SER A 122 -9.83 -12.63 -2.85
CA SER A 122 -9.10 -12.95 -4.08
C SER A 122 -9.68 -12.15 -5.25
N VAL A 123 -9.05 -12.32 -6.42
CA VAL A 123 -9.19 -11.46 -7.60
C VAL A 123 -9.14 -12.34 -8.85
N GLN A 124 -10.00 -12.06 -9.82
CA GLN A 124 -9.84 -12.57 -11.18
C GLN A 124 -9.49 -11.38 -12.06
N MET A 125 -8.29 -11.38 -12.63
CA MET A 125 -7.87 -10.20 -13.37
C MET A 125 -8.38 -10.25 -14.80
N ASN A 126 -8.22 -9.12 -15.51
CA ASN A 126 -8.26 -9.12 -16.97
C ASN A 126 -9.61 -9.64 -17.48
N LYS A 127 -10.67 -8.95 -17.11
CA LYS A 127 -12.00 -9.42 -17.48
C LYS A 127 -12.66 -8.40 -18.39
N THR A 128 -13.65 -8.88 -19.15
CA THR A 128 -14.46 -8.05 -20.02
C THR A 128 -15.67 -7.52 -19.26
N ASP A 129 -16.30 -6.47 -19.83
CA ASP A 129 -17.41 -5.84 -19.14
C ASP A 129 -18.66 -6.70 -19.14
N THR A 130 -18.71 -7.76 -19.95
CA THR A 130 -19.86 -8.65 -19.99
C THR A 130 -19.48 -10.09 -19.63
N ASP A 131 -18.21 -10.33 -19.31
CA ASP A 131 -17.78 -11.54 -18.64
C ASP A 131 -18.76 -11.90 -17.52
N PRO A 132 -19.15 -13.16 -17.41
CA PRO A 132 -20.11 -13.55 -16.36
C PRO A 132 -19.48 -13.45 -14.99
N LEU A 133 -20.25 -12.90 -14.05
CA LEU A 133 -19.80 -12.70 -12.68
C LEU A 133 -20.06 -13.99 -11.91
N ASP A 134 -19.16 -14.94 -12.11
CA ASP A 134 -19.31 -16.32 -11.64
C ASP A 134 -18.45 -16.61 -10.41
N TYR A 135 -18.85 -17.67 -9.69
CA TYR A 135 -18.22 -18.00 -8.42
C TYR A 135 -16.76 -18.35 -8.62
N PHE A 136 -15.94 -17.94 -7.67
CA PHE A 136 -14.58 -18.43 -7.59
C PHE A 136 -14.01 -18.24 -6.20
N VAL B 36 39.89 19.25 -3.88
CA VAL B 36 40.72 18.20 -3.27
C VAL B 36 39.85 16.99 -2.98
N MET B 37 38.59 17.23 -2.63
CA MET B 37 37.59 16.15 -2.61
C MET B 37 36.29 16.74 -3.16
N PRO B 38 35.56 15.98 -4.00
CA PRO B 38 34.42 16.58 -4.71
C PRO B 38 33.26 16.91 -3.78
N ILE B 39 32.72 18.14 -3.93
CA ILE B 39 31.41 18.44 -3.34
C ILE B 39 30.35 17.55 -3.98
N CYS B 40 30.21 17.67 -5.30
CA CYS B 40 29.23 16.91 -6.04
C CYS B 40 29.44 15.42 -5.86
N GLY B 41 28.39 14.72 -5.44
CA GLY B 41 28.46 13.30 -5.22
C GLY B 41 28.92 12.89 -3.85
N GLY B 42 29.55 13.79 -3.10
CA GLY B 42 30.05 13.43 -1.78
C GLY B 42 28.92 13.05 -0.85
N ILE B 43 29.16 12.01 -0.05
CA ILE B 43 28.19 11.48 0.90
C ILE B 43 28.73 11.69 2.31
N SER B 44 27.94 12.33 3.17
CA SER B 44 28.38 12.63 4.52
C SER B 44 28.36 11.37 5.41
N ALA B 45 29.05 11.49 6.54
CA ALA B 45 29.05 10.44 7.54
C ALA B 45 27.67 10.31 8.17
N ALA B 46 27.35 9.08 8.53
CA ALA B 46 26.09 8.75 9.18
C ALA B 46 25.96 9.50 10.50
N ARG B 47 24.74 9.86 10.83
CA ARG B 47 24.46 10.71 11.98
C ARG B 47 22.98 10.62 12.31
N ILE B 48 22.65 11.14 13.47
CA ILE B 48 21.25 11.11 13.92
C ILE B 48 20.46 12.12 13.10
N PRO B 49 19.24 11.82 12.70
CA PRO B 49 18.46 12.78 11.91
C PRO B 49 18.08 13.99 12.76
N THR B 50 17.76 15.09 12.07
CA THR B 50 17.13 16.19 12.76
C THR B 50 15.63 15.93 12.86
N ALA B 51 14.96 16.70 13.71
CA ALA B 51 13.51 16.75 13.73
C ALA B 51 12.92 16.90 12.33
N ASP B 52 13.32 17.96 11.61
CA ASP B 52 12.72 18.23 10.30
C ASP B 52 12.97 17.10 9.32
N GLU B 53 14.19 16.53 9.31
CA GLU B 53 14.50 15.39 8.46
C GLU B 53 13.54 14.22 8.70
N LYS B 54 13.26 13.88 9.98
CA LYS B 54 12.25 12.86 10.27
C LYS B 54 10.87 13.30 9.81
N LYS B 55 10.50 14.53 10.14
CA LYS B 55 9.20 15.10 9.72
C LYS B 55 8.96 14.91 8.23
N LYS B 56 9.96 15.14 7.40
CA LYS B 56 9.72 15.05 5.97
C LYS B 56 10.02 13.67 5.41
N LEU B 57 10.89 12.90 6.04
CA LEU B 57 11.23 11.60 5.45
C LEU B 57 10.20 10.52 5.84
N GLU B 58 9.70 10.52 7.09
CA GLU B 58 8.89 9.39 7.54
C GLU B 58 7.54 9.25 6.85
N PRO B 59 6.80 10.33 6.59
CA PRO B 59 5.59 10.21 5.75
C PRO B 59 5.85 9.61 4.38
N VAL B 60 6.86 10.09 3.65
CA VAL B 60 7.21 9.49 2.35
C VAL B 60 7.44 8.00 2.48
N LEU B 61 8.13 7.59 3.54
CA LEU B 61 8.40 6.17 3.76
C LEU B 61 7.11 5.38 4.04
N LEU B 62 6.24 5.88 4.93
CA LEU B 62 5.02 5.11 5.26
C LEU B 62 4.18 4.87 4.01
N GLN B 63 4.06 5.90 3.15
CA GLN B 63 3.21 5.83 1.96
C GLN B 63 3.80 4.95 0.88
N SER B 64 5.14 4.81 0.84
CA SER B 64 5.77 4.22 -0.34
C SER B 64 6.44 2.89 -0.08
N LEU B 65 6.63 2.50 1.18
CA LEU B 65 7.37 1.27 1.46
C LEU B 65 6.65 0.03 0.94
N TYR B 66 5.31 0.04 0.94
CA TYR B 66 4.52 -1.12 0.53
C TYR B 66 5.03 -1.69 -0.80
N ALA B 67 5.46 -0.81 -1.71
CA ALA B 67 5.88 -1.24 -3.05
C ALA B 67 7.20 -2.01 -3.03
N HIS B 68 7.95 -1.93 -1.93
CA HIS B 68 9.21 -2.66 -1.77
C HIS B 68 9.10 -3.77 -0.76
N LEU B 69 8.44 -3.49 0.35
CA LEU B 69 8.39 -4.46 1.42
C LEU B 69 7.47 -5.63 1.07
N GLY B 70 6.41 -5.37 0.30
CA GLY B 70 5.41 -6.37 0.07
C GLY B 70 4.33 -6.38 1.12
N SER B 71 4.10 -5.23 1.77
CA SER B 71 3.13 -5.03 2.83
C SER B 71 3.31 -3.63 3.39
N LYS B 72 2.22 -2.92 3.64
CA LYS B 72 2.30 -1.56 4.16
C LYS B 72 2.85 -1.59 5.59
N PRO B 73 3.69 -0.64 5.97
CA PRO B 73 4.24 -0.65 7.34
C PRO B 73 3.32 0.05 8.33
N THR B 74 3.36 -0.45 9.57
CA THR B 74 2.64 0.24 10.64
C THR B 74 3.45 1.36 11.25
N SER B 75 4.77 1.31 11.19
CA SER B 75 5.57 2.50 11.46
C SER B 75 6.92 2.44 10.73
N ALA B 76 7.59 3.58 10.69
CA ALA B 76 8.88 3.69 9.99
C ALA B 76 9.63 4.89 10.58
N GLU B 77 10.56 4.61 11.50
CA GLU B 77 11.27 5.68 12.20
C GLU B 77 12.67 5.79 11.61
N VAL B 78 13.01 6.99 11.14
CA VAL B 78 14.36 7.26 10.67
C VAL B 78 15.27 7.37 11.89
N VAL B 79 16.29 6.55 11.94
CA VAL B 79 17.10 6.51 13.13
C VAL B 79 18.56 6.88 12.86
N LEU B 80 19.03 6.80 11.61
CA LEU B 80 20.30 7.39 11.18
C LEU B 80 20.14 7.83 9.73
N VAL B 81 20.99 8.77 9.34
CA VAL B 81 20.86 9.34 8.01
C VAL B 81 22.25 9.76 7.51
N ALA B 82 22.49 9.51 6.25
CA ALA B 82 23.63 10.09 5.55
C ALA B 82 23.10 10.78 4.30
N THR B 83 23.68 11.93 3.96
CA THR B 83 23.24 12.76 2.84
C THR B 83 24.31 12.82 1.76
N GLN B 84 23.88 12.68 0.52
CA GLN B 84 24.74 12.80 -0.63
C GLN B 84 24.31 14.02 -1.45
N VAL B 85 25.26 14.88 -1.79
CA VAL B 85 24.99 16.07 -2.58
C VAL B 85 24.89 15.68 -4.05
N VAL B 86 23.72 15.86 -4.65
CA VAL B 86 23.59 15.63 -6.08
C VAL B 86 23.01 16.93 -6.64
N ALA B 87 22.28 16.90 -7.76
CA ALA B 87 21.43 18.04 -8.12
C ALA B 87 20.15 17.88 -7.30
N GLY B 88 20.23 18.29 -6.05
CA GLY B 88 19.28 17.78 -5.07
C GLY B 88 19.97 17.06 -3.92
N THR B 89 19.23 16.20 -3.22
CA THR B 89 19.85 15.48 -2.12
C THR B 89 19.37 14.03 -2.13
N ASN B 90 20.32 13.12 -2.09
CA ASN B 90 20.04 11.73 -1.78
C ASN B 90 20.15 11.55 -0.26
N TYR B 91 19.04 11.13 0.37
CA TYR B 91 19.00 10.76 1.78
C TYR B 91 19.10 9.25 1.89
N PHE B 92 20.14 8.76 2.57
CA PHE B 92 20.28 7.35 2.90
C PHE B 92 19.92 7.18 4.37
N ALA B 93 18.94 6.32 4.65
CA ALA B 93 18.42 6.27 5.99
C ALA B 93 18.40 4.84 6.51
N LYS B 94 18.80 4.70 7.76
CA LYS B 94 18.54 3.51 8.55
C LYS B 94 17.16 3.69 9.18
N VAL B 95 16.23 2.77 8.93
CA VAL B 95 14.82 2.94 9.31
C VAL B 95 14.36 1.74 10.14
N LYS B 96 13.92 1.99 11.37
CA LYS B 96 13.17 0.99 12.14
C LYS B 96 11.76 0.90 11.57
N VAL B 97 11.42 -0.26 11.00
CA VAL B 97 10.11 -0.48 10.40
C VAL B 97 9.24 -1.27 11.37
N ASN B 98 7.95 -0.91 11.44
CA ASN B 98 7.10 -1.38 12.52
C ASN B 98 7.93 -1.14 13.77
N ASN B 99 7.98 -2.03 14.74
CA ASN B 99 8.93 -1.70 15.80
C ASN B 99 10.01 -2.75 15.98
N ASP B 100 10.37 -3.50 14.94
CA ASP B 100 11.24 -4.64 15.23
C ASP B 100 12.21 -5.06 14.14
N HIS B 101 12.47 -4.27 13.11
CA HIS B 101 13.53 -4.63 12.16
C HIS B 101 13.99 -3.38 11.43
N TYR B 102 15.11 -3.51 10.74
CA TYR B 102 15.76 -2.35 10.14
C TYR B 102 15.86 -2.54 8.63
N ILE B 103 15.58 -1.47 7.90
CA ILE B 103 15.85 -1.41 6.46
C ILE B 103 16.70 -0.16 6.21
N HIS B 104 17.42 -0.18 5.09
CA HIS B 104 18.11 1.01 4.58
C HIS B 104 17.39 1.54 3.33
N THR B 105 17.11 2.85 3.34
CA THR B 105 16.31 3.50 2.31
C THR B 105 17.11 4.60 1.62
N ARG B 106 16.82 4.79 0.34
CA ARG B 106 17.45 5.86 -0.43
C ARG B 106 16.30 6.71 -0.98
N VAL B 107 16.20 7.95 -0.48
CA VAL B 107 15.17 8.91 -0.85
C VAL B 107 15.84 10.10 -1.53
N TYR B 108 15.31 10.49 -2.69
CA TYR B 108 15.79 11.62 -3.47
C TYR B 108 14.90 12.83 -3.20
N GLU B 109 15.52 13.94 -2.85
CA GLU B 109 14.83 15.19 -2.66
C GLU B 109 15.24 16.14 -3.78
N GLN B 110 14.27 16.57 -4.59
CA GLN B 110 14.53 17.59 -5.61
C GLN B 110 15.00 18.89 -4.99
N LEU B 111 15.80 19.62 -5.74
CA LEU B 111 16.15 20.99 -5.43
C LEU B 111 14.89 21.84 -5.28
N PRO B 112 14.90 22.84 -4.40
CA PRO B 112 13.71 23.70 -4.26
C PRO B 112 13.20 24.25 -5.60
N CYS B 113 14.09 24.86 -6.44
CA CYS B 113 13.60 25.30 -7.76
C CYS B 113 13.25 24.16 -8.70
N TYR B 114 13.28 22.88 -8.33
CA TYR B 114 12.68 21.82 -9.13
C TYR B 114 11.47 21.18 -8.44
N GLY B 115 10.85 21.90 -7.49
CA GLY B 115 9.63 21.44 -6.85
C GLY B 115 9.82 20.89 -5.46
N GLY B 116 11.07 20.59 -5.06
CA GLY B 116 11.40 20.19 -3.71
C GLY B 116 10.71 18.94 -3.18
N ALA B 117 10.25 18.05 -4.04
CA ALA B 117 9.56 16.87 -3.56
C ALA B 117 10.54 15.75 -3.26
N LEU B 118 10.06 14.81 -2.44
CA LEU B 118 10.81 13.63 -2.03
C LEU B 118 10.24 12.42 -2.71
N GLU B 119 11.08 11.45 -3.01
CA GLU B 119 10.63 10.24 -3.68
C GLU B 119 11.55 9.09 -3.26
N LEU B 120 10.96 8.01 -2.77
CA LEU B 120 11.70 6.79 -2.47
C LEU B 120 12.28 6.19 -3.74
N HIS B 121 13.60 6.03 -3.78
CA HIS B 121 14.24 5.41 -4.93
C HIS B 121 14.41 3.90 -4.76
N SER B 122 14.87 3.44 -3.60
CA SER B 122 15.09 2.01 -3.41
C SER B 122 15.35 1.75 -1.94
N VAL B 123 15.52 0.47 -1.64
CA VAL B 123 15.53 -0.05 -0.27
C VAL B 123 16.51 -1.22 -0.22
N GLN B 124 17.21 -1.37 0.88
CA GLN B 124 17.90 -2.61 1.23
C GLN B 124 17.21 -3.17 2.46
N MET B 125 16.63 -4.34 2.33
CA MET B 125 15.94 -4.97 3.44
C MET B 125 16.91 -5.78 4.31
N ASN B 126 16.40 -6.23 5.46
CA ASN B 126 17.08 -7.18 6.35
C ASN B 126 18.44 -6.65 6.80
N LYS B 127 18.38 -5.58 7.59
CA LYS B 127 19.58 -4.87 8.03
C LYS B 127 19.62 -4.84 9.55
N THR B 128 20.80 -4.83 10.10
CA THR B 128 20.91 -4.77 11.56
C THR B 128 20.89 -3.34 12.07
N ASP B 129 20.77 -3.23 13.38
CA ASP B 129 20.92 -1.98 14.12
C ASP B 129 22.25 -1.29 13.81
N THR B 130 23.32 -2.05 13.66
CA THR B 130 24.63 -1.45 13.47
C THR B 130 25.19 -1.69 12.08
N ASP B 131 24.37 -2.15 11.13
CA ASP B 131 24.83 -2.26 9.75
C ASP B 131 25.28 -0.89 9.23
N PRO B 132 26.42 -0.82 8.54
CA PRO B 132 26.88 0.48 8.01
C PRO B 132 25.88 1.05 7.02
N LEU B 133 25.65 2.37 7.16
CA LEU B 133 24.73 3.10 6.30
C LEU B 133 25.52 3.57 5.09
N ASP B 134 25.79 2.65 4.18
CA ASP B 134 26.62 3.10 3.07
C ASP B 134 25.81 3.15 1.78
N TYR B 135 26.42 3.83 0.81
CA TYR B 135 25.76 4.14 -0.44
C TYR B 135 25.27 2.88 -1.13
N PHE B 136 24.17 3.02 -1.82
CA PHE B 136 23.75 2.00 -2.76
C PHE B 136 22.82 2.70 -3.75
N MET C 37 10.66 42.99 -10.47
CA MET C 37 10.15 41.74 -9.90
C MET C 37 11.13 40.57 -10.15
N PRO C 38 11.34 39.72 -9.11
CA PRO C 38 12.22 38.55 -9.28
C PRO C 38 11.56 37.46 -10.11
N ILE C 39 12.09 37.21 -11.31
CA ILE C 39 11.45 36.27 -12.23
C ILE C 39 11.46 34.85 -11.66
N CYS C 40 12.58 34.46 -11.04
CA CYS C 40 12.73 33.10 -10.53
C CYS C 40 11.96 32.97 -9.21
N GLY C 41 10.92 32.14 -9.22
CA GLY C 41 10.14 31.89 -8.03
C GLY C 41 9.08 32.92 -7.71
N GLY C 42 8.92 33.95 -8.54
CA GLY C 42 7.86 34.90 -8.30
C GLY C 42 6.51 34.25 -8.60
N ILE C 43 5.50 34.64 -7.83
CA ILE C 43 4.21 33.96 -7.89
C ILE C 43 3.15 34.94 -8.35
N SER C 44 2.48 34.61 -9.46
CA SER C 44 1.33 35.36 -9.94
C SER C 44 0.26 35.49 -8.85
N ALA C 45 -0.63 36.47 -8.98
CA ALA C 45 -1.77 36.56 -8.09
C ALA C 45 -2.86 35.58 -8.55
N ALA C 46 -3.87 35.42 -7.70
CA ALA C 46 -4.92 34.45 -7.96
C ALA C 46 -5.69 34.81 -9.22
N ARG C 47 -6.06 33.78 -9.98
CA ARG C 47 -6.75 34.01 -11.22
C ARG C 47 -7.59 32.79 -11.58
N ILE C 48 -8.63 33.03 -12.37
CA ILE C 48 -9.51 31.95 -12.81
C ILE C 48 -8.72 31.00 -13.71
N PRO C 49 -8.72 29.70 -13.45
CA PRO C 49 -8.01 28.76 -14.34
C PRO C 49 -8.52 28.83 -15.77
N THR C 50 -7.65 28.42 -16.69
CA THR C 50 -8.10 28.16 -18.05
C THR C 50 -8.63 26.75 -18.19
N ALA C 51 -9.22 26.47 -19.35
CA ALA C 51 -9.74 25.14 -19.60
C ALA C 51 -8.62 24.15 -19.83
N ASP C 52 -7.48 24.62 -20.34
CA ASP C 52 -6.30 23.77 -20.42
C ASP C 52 -5.85 23.32 -19.04
N GLU C 53 -5.92 24.21 -18.05
CA GLU C 53 -5.32 23.92 -16.76
C GLU C 53 -6.19 22.99 -15.93
N LYS C 54 -7.51 23.21 -15.95
CA LYS C 54 -8.44 22.39 -15.20
C LYS C 54 -8.26 20.91 -15.54
N LYS C 55 -8.44 20.54 -16.82
CA LYS C 55 -8.27 19.15 -17.23
C LYS C 55 -6.80 18.74 -17.32
N LYS C 56 -5.87 19.59 -16.90
CA LYS C 56 -4.51 19.17 -16.68
C LYS C 56 -4.28 18.84 -15.22
N LEU C 57 -5.04 19.49 -14.35
CA LEU C 57 -4.85 19.42 -12.92
C LEU C 57 -5.90 18.58 -12.20
N GLU C 58 -7.12 18.52 -12.74
CA GLU C 58 -8.20 17.82 -12.03
C GLU C 58 -8.00 16.31 -12.03
N PRO C 59 -7.71 15.64 -13.15
CA PRO C 59 -7.38 14.20 -13.08
C PRO C 59 -6.23 13.89 -12.16
N VAL C 60 -5.17 14.70 -12.16
CA VAL C 60 -4.10 14.49 -11.19
C VAL C 60 -4.69 14.51 -9.79
N LEU C 61 -5.51 15.51 -9.49
CA LEU C 61 -6.08 15.63 -8.16
C LEU C 61 -7.02 14.47 -7.86
N LEU C 62 -7.78 14.05 -8.87
CA LEU C 62 -8.73 12.98 -8.65
C LEU C 62 -8.03 11.65 -8.45
N GLN C 63 -6.85 11.47 -9.04
CA GLN C 63 -6.09 10.24 -8.93
C GLN C 63 -5.11 10.26 -7.78
N SER C 64 -5.04 11.34 -7.02
CA SER C 64 -3.90 11.50 -6.12
C SER C 64 -4.25 12.10 -4.78
N LEU C 65 -5.43 12.73 -4.62
CA LEU C 65 -5.81 13.22 -3.31
C LEU C 65 -6.16 12.10 -2.34
N TYR C 66 -6.33 10.86 -2.81
CA TYR C 66 -6.62 9.76 -1.88
C TYR C 66 -5.56 9.68 -0.77
N ALA C 67 -4.28 9.78 -1.13
CA ALA C 67 -3.23 9.66 -0.13
C ALA C 67 -3.05 10.90 0.73
N HIS C 68 -3.81 11.96 0.49
CA HIS C 68 -3.71 13.18 1.29
C HIS C 68 -4.95 13.43 2.14
N LEU C 69 -6.14 13.17 1.61
CA LEU C 69 -7.38 13.34 2.33
C LEU C 69 -7.91 12.01 2.91
N GLY C 70 -7.15 10.93 2.79
CA GLY C 70 -7.58 9.64 3.34
C GLY C 70 -8.70 8.95 2.61
N SER C 71 -9.74 9.69 2.25
CA SER C 71 -10.78 9.13 1.40
C SER C 71 -10.48 9.48 -0.06
N LYS C 72 -11.23 8.86 -0.94
CA LYS C 72 -11.19 9.24 -2.34
C LYS C 72 -12.17 10.40 -2.57
N PRO C 73 -11.73 11.51 -3.17
CA PRO C 73 -12.67 12.58 -3.52
C PRO C 73 -13.64 12.09 -4.58
N THR C 74 -14.86 12.60 -4.49
CA THR C 74 -15.91 12.25 -5.44
C THR C 74 -15.92 13.17 -6.64
N SER C 75 -15.54 14.43 -6.43
CA SER C 75 -15.19 15.38 -7.46
C SER C 75 -13.96 16.15 -6.98
N ALA C 76 -13.38 16.96 -7.86
CA ALA C 76 -12.25 17.80 -7.49
C ALA C 76 -12.14 18.87 -8.57
N GLU C 77 -12.56 20.09 -8.25
CA GLU C 77 -12.60 21.19 -9.22
C GLU C 77 -11.65 22.29 -8.78
N VAL C 78 -10.80 22.73 -9.71
CA VAL C 78 -9.97 23.90 -9.46
C VAL C 78 -10.83 25.13 -9.70
N VAL C 79 -10.97 25.99 -8.70
CA VAL C 79 -11.74 27.22 -8.86
C VAL C 79 -10.83 28.43 -9.01
N LEU C 80 -9.58 28.35 -8.55
CA LEU C 80 -8.64 29.46 -8.51
C LEU C 80 -7.25 28.88 -8.72
N VAL C 81 -6.38 29.66 -9.33
CA VAL C 81 -5.03 29.18 -9.63
C VAL C 81 -4.05 30.35 -9.56
N ALA C 82 -2.86 30.06 -9.03
CA ALA C 82 -1.69 30.93 -9.02
C ALA C 82 -0.50 30.10 -9.46
N THR C 83 0.32 30.67 -10.33
CA THR C 83 1.46 29.96 -10.90
C THR C 83 2.76 30.51 -10.34
N GLN C 84 3.68 29.61 -10.00
CA GLN C 84 5.05 29.96 -9.61
C GLN C 84 5.98 29.31 -10.62
N VAL C 85 6.63 30.13 -11.43
CA VAL C 85 7.56 29.58 -12.39
C VAL C 85 8.88 29.36 -11.69
N VAL C 86 9.39 28.14 -11.81
CA VAL C 86 10.69 27.76 -11.28
C VAL C 86 11.31 27.04 -12.45
N ALA C 87 12.07 25.98 -12.22
CA ALA C 87 12.43 25.10 -13.34
C ALA C 87 11.29 24.11 -13.42
N GLY C 88 10.36 24.36 -14.34
CA GLY C 88 9.02 23.84 -14.23
C GLY C 88 8.14 24.84 -13.52
N THR C 89 6.91 24.43 -13.25
CA THR C 89 5.90 25.30 -12.67
C THR C 89 5.22 24.65 -11.47
N ASN C 90 5.15 25.40 -10.37
CA ASN C 90 4.30 25.12 -9.21
C ASN C 90 2.92 25.75 -9.38
N TYR C 91 1.94 24.94 -9.71
CA TYR C 91 0.55 25.39 -9.70
C TYR C 91 -0.01 25.27 -8.28
N PHE C 92 -0.35 26.42 -7.70
CA PHE C 92 -1.16 26.47 -6.49
C PHE C 92 -2.61 26.60 -6.90
N ALA C 93 -3.48 25.76 -6.32
CA ALA C 93 -4.88 25.77 -6.70
C ALA C 93 -5.79 25.75 -5.49
N LYS C 94 -6.80 26.61 -5.49
CA LYS C 94 -7.94 26.50 -4.58
C LYS C 94 -8.91 25.47 -5.17
N VAL C 95 -9.21 24.42 -4.39
CA VAL C 95 -10.00 23.28 -4.86
C VAL C 95 -11.29 23.16 -4.07
N LYS C 96 -12.41 22.94 -4.78
CA LYS C 96 -13.68 22.52 -4.18
C LYS C 96 -13.77 21.00 -4.29
N VAL C 97 -13.67 20.32 -3.14
CA VAL C 97 -13.50 18.87 -3.13
C VAL C 97 -14.76 18.14 -3.61
N ASN C 98 -15.79 18.04 -2.79
CA ASN C 98 -16.87 17.14 -3.18
C ASN C 98 -18.06 17.90 -3.75
N ASN C 99 -18.59 18.85 -2.99
CA ASN C 99 -19.26 20.00 -3.58
C ASN C 99 -19.51 21.03 -2.50
N ASP C 100 -18.82 20.89 -1.36
CA ASP C 100 -18.43 22.03 -0.52
C ASP C 100 -17.64 21.62 0.71
N HIS C 101 -16.36 21.37 0.51
CA HIS C 101 -15.36 21.88 1.43
C HIS C 101 -14.16 22.25 0.58
N TYR C 102 -13.31 23.13 1.08
CA TYR C 102 -12.27 23.70 0.24
C TYR C 102 -10.89 23.30 0.73
N ILE C 103 -9.98 23.06 -0.22
CA ILE C 103 -8.58 22.81 0.06
C ILE C 103 -7.73 23.59 -0.94
N HIS C 104 -6.53 23.96 -0.50
CA HIS C 104 -5.51 24.46 -1.40
C HIS C 104 -4.49 23.36 -1.66
N THR C 105 -4.04 23.27 -2.92
CA THR C 105 -3.15 22.22 -3.39
C THR C 105 -1.96 22.80 -4.16
N ARG C 106 -0.81 22.17 -3.99
CA ARG C 106 0.41 22.47 -4.72
C ARG C 106 0.69 21.32 -5.69
N VAL C 107 0.73 21.62 -6.99
CA VAL C 107 0.99 20.64 -8.03
C VAL C 107 2.22 21.09 -8.80
N TYR C 108 3.26 20.24 -8.84
CA TYR C 108 4.47 20.54 -9.58
C TYR C 108 4.40 19.97 -10.98
N GLU C 109 4.80 20.77 -11.97
CA GLU C 109 4.83 20.36 -13.37
C GLU C 109 6.25 20.42 -13.89
N GLN C 110 6.71 19.32 -14.45
CA GLN C 110 8.07 19.28 -14.92
C GLN C 110 8.21 20.03 -16.25
N LEU C 111 9.44 20.49 -16.52
CA LEU C 111 9.79 20.87 -17.86
C LEU C 111 9.54 19.70 -18.82
N PRO C 112 9.31 19.97 -20.11
CA PRO C 112 9.10 18.86 -21.07
C PRO C 112 10.30 17.93 -21.21
N CYS C 113 11.54 18.45 -21.16
CA CYS C 113 12.70 17.56 -21.21
C CYS C 113 12.89 16.72 -19.94
N TYR C 114 12.03 16.86 -18.93
CA TYR C 114 11.97 15.89 -17.83
C TYR C 114 10.73 15.00 -17.88
N GLY C 115 10.05 14.91 -19.02
CA GLY C 115 8.78 14.21 -19.12
C GLY C 115 7.55 15.10 -18.98
N GLY C 116 7.68 16.24 -18.30
CA GLY C 116 6.57 17.16 -18.19
C GLY C 116 5.39 16.70 -17.34
N ALA C 117 5.55 15.66 -16.52
CA ALA C 117 4.45 15.13 -15.74
C ALA C 117 4.11 16.03 -14.55
N LEU C 118 2.86 15.94 -14.10
CA LEU C 118 2.41 16.66 -12.93
C LEU C 118 2.43 15.76 -11.71
N GLU C 119 2.70 16.34 -10.54
CA GLU C 119 2.77 15.58 -9.30
C GLU C 119 2.20 16.43 -8.17
N LEU C 120 1.24 15.88 -7.46
CA LEU C 120 0.73 16.53 -6.26
C LEU C 120 1.80 16.52 -5.20
N HIS C 121 2.17 17.70 -4.72
CA HIS C 121 3.22 17.78 -3.71
C HIS C 121 2.64 17.82 -2.30
N SER C 122 1.71 18.73 -2.03
CA SER C 122 1.15 18.89 -0.70
C SER C 122 -0.24 19.52 -0.80
N VAL C 123 -0.91 19.65 0.36
CA VAL C 123 -2.29 20.12 0.49
C VAL C 123 -2.43 20.97 1.75
N GLN C 124 -3.37 21.92 1.72
CA GLN C 124 -3.96 22.51 2.93
C GLN C 124 -5.46 22.22 2.94
N MET C 125 -6.01 21.88 4.12
CA MET C 125 -7.22 21.04 4.19
C MET C 125 -8.47 21.68 4.83
N ASN C 126 -8.49 23.00 5.06
CA ASN C 126 -9.72 23.71 5.41
C ASN C 126 -9.60 25.18 5.03
N LYS C 127 -10.41 25.63 4.09
CA LYS C 127 -10.24 26.94 3.47
C LYS C 127 -11.59 27.49 3.04
N THR C 128 -11.68 28.82 2.95
CA THR C 128 -12.90 29.48 2.49
C THR C 128 -12.88 29.62 0.98
N ASP C 129 -14.08 29.73 0.40
CA ASP C 129 -14.22 29.87 -1.05
C ASP C 129 -13.58 31.17 -1.54
N THR C 130 -13.01 31.92 -0.62
CA THR C 130 -12.42 33.21 -0.93
C THR C 130 -11.05 33.42 -0.31
N ASP C 131 -10.52 32.44 0.44
CA ASP C 131 -9.18 32.50 1.04
C ASP C 131 -8.11 32.89 0.03
N PRO C 132 -7.09 33.65 0.44
CA PRO C 132 -6.00 33.97 -0.50
C PRO C 132 -5.24 32.69 -0.89
N LEU C 133 -5.03 32.53 -2.20
CA LEU C 133 -4.25 31.42 -2.73
C LEU C 133 -2.77 31.76 -2.62
N ASP C 134 -2.28 31.70 -1.39
CA ASP C 134 -0.91 32.14 -1.10
C ASP C 134 0.06 30.96 -1.15
N TYR C 135 1.34 31.27 -1.29
CA TYR C 135 2.36 30.23 -1.39
C TYR C 135 2.54 29.52 -0.06
N PHE C 136 2.62 28.21 -0.12
CA PHE C 136 2.90 27.41 1.06
C PHE C 136 3.81 26.24 0.68
N ILE D 39 -27.36 -11.10 26.98
CA ILE D 39 -26.08 -11.77 27.10
C ILE D 39 -25.52 -11.97 25.69
N CYS D 40 -26.40 -12.36 24.77
CA CYS D 40 -26.03 -12.74 23.42
C CYS D 40 -25.62 -11.57 22.54
N GLY D 41 -25.76 -10.34 23.03
CA GLY D 41 -25.08 -9.15 22.51
C GLY D 41 -24.79 -8.29 23.72
N GLY D 42 -24.84 -6.97 23.59
CA GLY D 42 -25.07 -6.21 24.82
C GLY D 42 -23.87 -5.92 25.71
N ILE D 43 -23.81 -4.66 26.15
CA ILE D 43 -22.62 -4.05 26.75
C ILE D 43 -22.71 -4.13 28.27
N SER D 44 -21.58 -4.48 28.91
CA SER D 44 -21.52 -4.51 30.36
C SER D 44 -21.38 -3.09 30.93
N ALA D 45 -20.99 -3.00 32.20
CA ALA D 45 -20.79 -1.72 32.87
C ALA D 45 -19.32 -1.32 32.79
N ALA D 46 -19.07 -0.01 32.75
CA ALA D 46 -17.71 0.49 32.76
C ALA D 46 -16.97 0.04 34.02
N ARG D 47 -15.92 -0.78 33.86
CA ARG D 47 -15.31 -1.48 34.98
C ARG D 47 -13.80 -1.30 35.01
N ILE D 48 -13.20 -1.82 36.08
CA ILE D 48 -11.79 -2.09 36.32
C ILE D 48 -10.97 -2.25 35.05
N PRO D 49 -9.71 -1.81 34.97
CA PRO D 49 -8.81 -2.41 33.98
C PRO D 49 -8.24 -3.70 34.51
N THR D 50 -8.52 -4.81 33.81
CA THR D 50 -8.07 -6.12 34.26
C THR D 50 -6.54 -6.16 34.25
N ALA D 51 -5.99 -7.20 34.87
CA ALA D 51 -4.56 -7.40 34.93
C ALA D 51 -4.00 -7.61 33.52
N ASP D 52 -4.22 -8.80 32.95
CA ASP D 52 -3.71 -9.16 31.64
C ASP D 52 -4.37 -8.32 30.54
N GLU D 53 -5.26 -7.42 30.94
CA GLU D 53 -5.87 -6.41 30.07
C GLU D 53 -4.81 -5.51 29.44
N LYS D 54 -4.17 -4.67 30.27
CA LYS D 54 -3.18 -3.73 29.75
C LYS D 54 -2.02 -4.46 29.08
N LYS D 55 -1.59 -5.58 29.66
CA LYS D 55 -0.58 -6.42 29.03
C LYS D 55 -0.92 -6.70 27.57
N LYS D 56 -2.14 -7.17 27.31
CA LYS D 56 -2.53 -7.67 26.00
C LYS D 56 -3.29 -6.66 25.15
N LEU D 57 -3.91 -5.64 25.76
CA LEU D 57 -4.65 -4.66 24.99
C LEU D 57 -3.90 -3.36 24.75
N GLU D 58 -3.12 -2.91 25.74
CA GLU D 58 -2.39 -1.66 25.55
C GLU D 58 -1.49 -1.69 24.33
N PRO D 59 -0.65 -2.73 24.11
CA PRO D 59 0.18 -2.74 22.90
C PRO D 59 -0.60 -2.62 21.59
N VAL D 60 -1.73 -3.32 21.45
CA VAL D 60 -2.45 -3.31 20.17
C VAL D 60 -2.82 -1.90 19.75
N LEU D 61 -3.11 -1.03 20.72
CA LEU D 61 -3.39 0.36 20.40
C LEU D 61 -2.19 1.03 19.73
N LEU D 62 -1.01 0.91 20.34
CA LEU D 62 0.20 1.62 19.91
C LEU D 62 0.40 1.54 18.39
N GLN D 63 0.47 0.32 17.86
CA GLN D 63 0.74 0.15 16.43
C GLN D 63 -0.50 0.35 15.57
N SER D 64 -1.70 0.30 16.16
CA SER D 64 -2.92 0.50 15.40
C SER D 64 -3.42 1.94 15.40
N LEU D 65 -2.93 2.76 16.35
CA LEU D 65 -3.52 4.09 16.53
C LEU D 65 -3.09 5.05 15.43
N TYR D 66 -1.79 5.04 15.10
CA TYR D 66 -1.27 5.91 14.03
C TYR D 66 -2.13 5.80 12.77
N ALA D 67 -2.55 4.60 12.42
CA ALA D 67 -3.35 4.41 11.21
C ALA D 67 -4.69 5.14 11.27
N HIS D 68 -5.19 5.47 12.46
CA HIS D 68 -6.52 6.05 12.61
C HIS D 68 -6.48 7.55 12.87
N LEU D 69 -5.65 7.99 13.81
CA LEU D 69 -5.69 9.36 14.31
C LEU D 69 -4.77 10.33 13.56
N GLY D 70 -3.73 9.81 12.88
CA GLY D 70 -2.73 10.63 12.23
C GLY D 70 -1.42 10.72 13.00
N SER D 71 -1.48 10.62 14.33
CA SER D 71 -0.31 10.55 15.19
C SER D 71 -0.32 9.24 15.96
N LYS D 72 0.86 8.82 16.40
CA LYS D 72 0.99 7.75 17.38
C LYS D 72 1.88 8.23 18.52
N PRO D 73 1.59 7.80 19.75
CA PRO D 73 2.32 8.33 20.90
C PRO D 73 3.13 7.29 21.66
N THR D 74 3.39 7.58 22.94
CA THR D 74 4.27 6.78 23.79
C THR D 74 3.54 6.07 24.91
N SER D 75 2.25 6.37 25.15
CA SER D 75 1.49 5.70 26.18
C SER D 75 0.02 5.66 25.78
N ALA D 76 -0.57 4.48 25.83
CA ALA D 76 -2.00 4.32 25.61
C ALA D 76 -2.65 3.74 26.86
N GLU D 77 -2.40 4.38 28.01
CA GLU D 77 -2.83 3.92 29.32
C GLU D 77 -4.31 3.52 29.32
N VAL D 78 -4.58 2.24 29.49
CA VAL D 78 -5.96 1.77 29.60
C VAL D 78 -6.42 1.94 31.05
N VAL D 79 -7.50 2.69 31.24
CA VAL D 79 -8.05 2.83 32.58
C VAL D 79 -9.41 2.14 32.64
N LEU D 80 -10.50 2.88 32.52
CA LEU D 80 -11.84 2.35 32.75
C LEU D 80 -12.27 1.53 31.54
N VAL D 81 -12.30 0.20 31.69
CA VAL D 81 -12.61 -0.75 30.61
C VAL D 81 -14.07 -0.69 30.16
N ALA D 82 -14.44 -1.58 29.23
CA ALA D 82 -15.80 -2.12 29.08
C ALA D 82 -15.70 -3.47 28.35
N THR D 83 -16.79 -4.23 28.37
CA THR D 83 -16.85 -5.53 27.71
C THR D 83 -18.22 -5.74 27.10
N GLN D 84 -18.25 -6.04 25.79
CA GLN D 84 -19.46 -6.50 25.14
C GLN D 84 -19.20 -7.90 24.58
N VAL D 85 -20.03 -8.85 25.01
CA VAL D 85 -19.95 -10.21 24.50
C VAL D 85 -20.57 -10.21 23.11
N VAL D 86 -19.81 -10.65 22.12
CA VAL D 86 -20.34 -10.93 20.81
C VAL D 86 -19.87 -12.33 20.50
N ALA D 87 -19.80 -12.71 19.22
CA ALA D 87 -19.04 -13.89 18.84
C ALA D 87 -17.57 -13.52 19.05
N GLY D 88 -17.16 -13.53 20.32
CA GLY D 88 -15.89 -12.96 20.69
C GLY D 88 -16.15 -11.83 21.64
N THR D 89 -15.19 -10.92 21.84
CA THR D 89 -15.36 -9.81 22.77
C THR D 89 -15.01 -8.51 22.08
N ASN D 90 -15.89 -7.52 22.20
CA ASN D 90 -15.58 -6.15 21.86
C ASN D 90 -15.23 -5.43 23.15
N TYR D 91 -13.99 -4.97 23.27
CA TYR D 91 -13.64 -4.12 24.39
C TYR D 91 -13.95 -2.67 24.04
N PHE D 92 -14.24 -1.88 25.07
CA PHE D 92 -14.45 -0.44 24.93
C PHE D 92 -13.74 0.22 26.11
N ALA D 93 -12.59 0.83 25.87
CA ALA D 93 -11.78 1.39 26.93
C ALA D 93 -11.66 2.90 26.79
N LYS D 94 -11.50 3.56 27.94
CA LYS D 94 -11.09 4.96 27.99
C LYS D 94 -9.58 4.98 28.23
N VAL D 95 -8.83 5.65 27.36
CA VAL D 95 -7.38 5.55 27.38
C VAL D 95 -6.75 6.93 27.31
N LYS D 96 -5.76 7.17 28.18
CA LYS D 96 -4.95 8.37 28.16
C LYS D 96 -3.95 8.26 27.03
N VAL D 97 -4.25 8.90 25.89
CA VAL D 97 -3.18 9.16 24.92
C VAL D 97 -2.19 10.11 25.57
N ASN D 98 -0.90 9.82 25.41
CA ASN D 98 0.13 10.36 26.30
C ASN D 98 -0.04 11.84 26.60
N ASN D 99 0.09 12.72 25.60
CA ASN D 99 0.08 14.16 25.87
C ASN D 99 -1.36 14.66 26.00
N ASP D 100 -1.95 14.37 27.16
CA ASP D 100 -3.10 15.11 27.70
C ASP D 100 -4.25 15.19 26.71
N HIS D 101 -4.67 14.04 26.19
CA HIS D 101 -5.98 13.96 25.55
C HIS D 101 -6.50 12.53 25.71
N TYR D 102 -7.73 12.42 26.19
CA TYR D 102 -8.41 11.14 26.32
C TYR D 102 -8.95 10.68 24.97
N ILE D 103 -9.16 9.37 24.84
CA ILE D 103 -9.93 8.83 23.73
C ILE D 103 -10.64 7.55 24.18
N HIS D 104 -11.50 7.03 23.31
CA HIS D 104 -12.09 5.70 23.45
C HIS D 104 -11.81 4.88 22.19
N THR D 105 -11.54 3.58 22.38
CA THR D 105 -11.20 2.66 21.30
C THR D 105 -12.04 1.40 21.40
N ARG D 106 -12.46 0.90 20.24
CA ARG D 106 -13.16 -0.38 20.13
C ARG D 106 -12.22 -1.39 19.48
N VAL D 107 -11.76 -2.36 20.26
CA VAL D 107 -10.90 -3.42 19.76
C VAL D 107 -11.64 -4.75 19.84
N TYR D 108 -11.76 -5.44 18.71
CA TYR D 108 -12.40 -6.75 18.65
C TYR D 108 -11.38 -7.84 18.95
N GLU D 109 -11.83 -8.89 19.65
CA GLU D 109 -10.98 -10.03 19.97
C GLU D 109 -11.72 -11.31 19.63
N GLN D 110 -11.11 -12.15 18.80
CA GLN D 110 -11.77 -13.35 18.30
C GLN D 110 -12.03 -14.34 19.44
N LEU D 111 -12.91 -15.30 19.19
CA LEU D 111 -12.98 -16.45 20.07
C LEU D 111 -11.67 -17.21 19.97
N PRO D 112 -11.29 -17.92 21.03
CA PRO D 112 -10.06 -18.73 21.01
C PRO D 112 -9.91 -19.61 19.80
N CYS D 113 -10.97 -20.30 19.40
CA CYS D 113 -10.86 -21.25 18.30
C CYS D 113 -10.85 -20.58 16.94
N TYR D 114 -11.10 -19.27 16.87
CA TYR D 114 -10.90 -18.54 15.63
C TYR D 114 -9.50 -17.95 15.54
N GLY D 115 -8.75 -17.93 16.65
CA GLY D 115 -7.38 -17.45 16.68
C GLY D 115 -7.09 -16.59 17.89
N GLY D 116 -8.08 -15.82 18.34
CA GLY D 116 -7.86 -14.95 19.48
C GLY D 116 -7.11 -13.66 19.20
N ALA D 117 -7.08 -13.22 17.95
CA ALA D 117 -6.32 -12.01 17.62
C ALA D 117 -7.10 -10.74 17.94
N LEU D 118 -6.42 -9.83 18.62
CA LEU D 118 -6.94 -8.48 18.78
C LEU D 118 -6.87 -7.74 17.45
N GLU D 119 -7.82 -6.82 17.24
CA GLU D 119 -7.74 -5.88 16.12
C GLU D 119 -8.60 -4.67 16.46
N LEU D 120 -7.95 -3.54 16.65
CA LEU D 120 -8.65 -2.29 16.92
C LEU D 120 -9.63 -2.00 15.79
N HIS D 121 -10.91 -1.95 16.12
CA HIS D 121 -11.98 -1.80 15.13
C HIS D 121 -12.23 -0.34 14.76
N SER D 122 -12.25 0.56 15.74
CA SER D 122 -12.66 1.94 15.52
C SER D 122 -12.14 2.80 16.68
N VAL D 123 -12.35 4.11 16.56
CA VAL D 123 -11.77 5.06 17.50
C VAL D 123 -12.72 6.21 17.73
N GLN D 124 -12.66 6.74 18.95
CA GLN D 124 -13.28 8.00 19.33
C GLN D 124 -12.16 9.02 19.51
N MET D 125 -12.25 10.16 18.81
CA MET D 125 -11.11 11.09 18.69
C MET D 125 -11.11 12.27 19.67
N ASN D 126 -12.06 13.20 19.55
CA ASN D 126 -12.08 14.44 20.34
C ASN D 126 -12.84 14.16 21.63
N LYS D 127 -12.12 13.78 22.68
CA LYS D 127 -12.77 13.17 23.83
C LYS D 127 -12.44 13.89 25.13
N THR D 128 -13.47 14.15 25.92
CA THR D 128 -13.34 14.49 27.33
C THR D 128 -13.12 13.21 28.14
N ASP D 129 -13.13 13.33 29.46
CA ASP D 129 -13.10 12.18 30.34
C ASP D 129 -14.50 11.77 30.82
N THR D 130 -15.34 12.76 31.10
CA THR D 130 -16.72 12.55 31.55
C THR D 130 -17.69 12.30 30.40
N ASP D 131 -17.26 11.51 29.40
CA ASP D 131 -18.06 11.21 28.22
C ASP D 131 -18.56 9.76 28.26
N PRO D 132 -19.67 9.47 27.59
CA PRO D 132 -20.21 8.10 27.62
C PRO D 132 -19.26 7.10 26.96
N LEU D 133 -18.91 6.05 27.71
CA LEU D 133 -18.21 4.89 27.17
C LEU D 133 -19.26 3.86 26.76
N ASP D 134 -19.96 4.19 25.68
CA ASP D 134 -21.04 3.38 25.14
C ASP D 134 -20.62 2.78 23.80
N TYR D 135 -21.49 1.93 23.26
CA TYR D 135 -21.22 1.25 22.00
C TYR D 135 -21.14 2.27 20.86
N PHE D 136 -20.02 2.27 20.14
CA PHE D 136 -19.89 3.03 18.89
C PHE D 136 -19.42 2.12 17.77
N ILE E 39 -10.49 -33.93 20.12
CA ILE E 39 -10.19 -33.62 18.73
C ILE E 39 -10.61 -32.20 18.33
N CYS E 40 -11.37 -31.54 19.20
CA CYS E 40 -12.15 -30.35 18.92
C CYS E 40 -11.35 -29.08 19.21
N GLY E 41 -10.06 -29.32 19.58
CA GLY E 41 -8.89 -28.55 19.14
C GLY E 41 -7.80 -29.60 18.79
N GLY E 42 -6.55 -29.35 19.14
CA GLY E 42 -5.68 -30.51 19.05
C GLY E 42 -5.00 -30.94 17.75
N ILE E 43 -3.77 -31.41 17.91
CA ILE E 43 -2.74 -31.31 16.89
C ILE E 43 -2.25 -32.70 16.46
N SER E 44 -2.25 -32.95 15.16
CA SER E 44 -1.74 -34.19 14.58
C SER E 44 -0.21 -34.28 14.71
N ALA E 45 0.31 -35.49 14.53
CA ALA E 45 1.76 -35.67 14.46
C ALA E 45 2.29 -35.01 13.19
N ALA E 46 3.56 -34.60 13.24
CA ALA E 46 4.22 -34.05 12.07
C ALA E 46 4.27 -35.09 10.95
N ARG E 47 4.25 -34.61 9.72
CA ARG E 47 4.20 -35.49 8.55
C ARG E 47 4.61 -34.68 7.33
N ILE E 48 4.99 -35.39 6.27
CA ILE E 48 5.32 -34.63 5.06
C ILE E 48 4.06 -33.97 4.53
N PRO E 49 4.13 -32.76 4.00
CA PRO E 49 2.94 -32.14 3.41
C PRO E 49 2.61 -32.79 2.09
N THR E 50 1.33 -32.70 1.76
CA THR E 50 0.80 -33.04 0.45
C THR E 50 1.14 -31.95 -0.57
N ALA E 51 0.97 -32.29 -1.85
CA ALA E 51 1.29 -31.34 -2.91
C ALA E 51 0.35 -30.14 -2.88
N ASP E 52 -0.93 -30.36 -2.55
CA ASP E 52 -1.86 -29.26 -2.43
C ASP E 52 -1.63 -28.46 -1.15
N GLU E 53 -1.00 -29.05 -0.13
CA GLU E 53 -0.67 -28.27 1.05
C GLU E 53 0.46 -27.28 0.75
N LYS E 54 1.57 -27.78 0.19
CA LYS E 54 2.66 -26.90 -0.26
C LYS E 54 2.15 -25.76 -1.13
N LYS E 55 1.34 -26.08 -2.15
CA LYS E 55 0.82 -25.05 -3.06
C LYS E 55 -0.26 -24.18 -2.43
N LYS E 56 -0.85 -24.62 -1.33
CA LYS E 56 -1.74 -23.76 -0.58
C LYS E 56 -0.93 -22.75 0.22
N LEU E 57 -0.01 -23.24 1.01
CA LEU E 57 0.64 -22.49 2.09
C LEU E 57 1.81 -21.66 1.59
N GLU E 58 2.55 -22.17 0.62
CA GLU E 58 3.73 -21.44 0.17
C GLU E 58 3.41 -20.06 -0.41
N PRO E 59 2.36 -19.87 -1.21
CA PRO E 59 2.08 -18.50 -1.68
C PRO E 59 1.74 -17.54 -0.55
N VAL E 60 1.05 -18.02 0.49
CA VAL E 60 0.78 -17.16 1.64
C VAL E 60 2.08 -16.81 2.35
N LEU E 61 3.01 -17.74 2.40
CA LEU E 61 4.27 -17.48 3.09
C LEU E 61 5.16 -16.52 2.31
N LEU E 62 5.32 -16.73 0.99
CA LEU E 62 6.05 -15.76 0.16
C LEU E 62 5.49 -14.36 0.33
N GLN E 63 4.16 -14.24 0.40
CA GLN E 63 3.50 -12.94 0.39
C GLN E 63 3.43 -12.27 1.76
N SER E 64 3.56 -13.00 2.87
CA SER E 64 3.28 -12.41 4.17
C SER E 64 4.41 -12.51 5.18
N LEU E 65 5.49 -13.22 4.88
CA LEU E 65 6.50 -13.48 5.91
C LEU E 65 7.26 -12.22 6.34
N TYR E 66 7.25 -11.16 5.50
CA TYR E 66 8.13 -10.01 5.68
C TYR E 66 8.03 -9.41 7.09
N ALA E 67 6.81 -9.03 7.47
CA ALA E 67 6.57 -8.40 8.76
C ALA E 67 6.83 -9.34 9.93
N HIS E 68 6.84 -10.66 9.70
CA HIS E 68 7.21 -11.52 10.81
C HIS E 68 8.70 -11.71 10.89
N LEU E 69 9.38 -11.75 9.73
CA LEU E 69 10.80 -12.06 9.62
C LEU E 69 11.70 -10.83 9.56
N GLY E 70 11.18 -9.67 9.17
CA GLY E 70 12.09 -8.59 8.81
C GLY E 70 12.92 -8.86 7.57
N SER E 71 12.42 -9.70 6.67
CA SER E 71 13.08 -10.01 5.41
C SER E 71 12.06 -10.63 4.46
N LYS E 72 12.31 -10.47 3.16
CA LYS E 72 11.40 -10.94 2.13
C LYS E 72 12.06 -12.16 1.51
N PRO E 73 11.63 -13.37 1.84
CA PRO E 73 12.31 -14.54 1.29
C PRO E 73 12.17 -14.58 -0.22
N THR E 74 13.13 -15.22 -0.85
CA THR E 74 12.98 -15.52 -2.26
C THR E 74 12.25 -16.83 -2.45
N SER E 75 12.47 -17.75 -1.52
CA SER E 75 11.84 -19.05 -1.54
C SER E 75 11.43 -19.40 -0.12
N ALA E 76 10.31 -20.10 0.01
CA ALA E 76 9.78 -20.46 1.32
C ALA E 76 9.10 -21.81 1.15
N GLU E 77 9.71 -22.88 1.68
CA GLU E 77 9.33 -24.25 1.34
C GLU E 77 8.85 -25.02 2.58
N VAL E 78 7.61 -25.51 2.52
CA VAL E 78 7.04 -26.37 3.56
C VAL E 78 7.66 -27.76 3.45
N VAL E 79 8.31 -28.21 4.51
CA VAL E 79 8.88 -29.55 4.49
C VAL E 79 8.25 -30.45 5.53
N LEU E 80 7.60 -29.89 6.55
CA LEU E 80 6.86 -30.68 7.53
C LEU E 80 5.61 -29.90 7.91
N VAL E 81 4.54 -30.62 8.19
CA VAL E 81 3.31 -29.96 8.60
C VAL E 81 2.65 -30.75 9.72
N ALA E 82 2.04 -30.00 10.65
CA ALA E 82 1.16 -30.55 11.67
C ALA E 82 -0.09 -29.68 11.71
N THR E 83 -1.26 -30.34 11.60
CA THR E 83 -2.55 -29.69 11.50
C THR E 83 -3.29 -29.77 12.82
N GLN E 84 -3.83 -28.64 13.26
CA GLN E 84 -4.65 -28.57 14.46
C GLN E 84 -6.06 -28.15 14.08
N VAL E 85 -7.03 -29.01 14.34
CA VAL E 85 -8.43 -28.71 14.07
C VAL E 85 -8.90 -27.63 15.04
N VAL E 86 -9.32 -26.50 14.50
CA VAL E 86 -9.89 -25.45 15.33
C VAL E 86 -11.26 -25.17 14.74
N ALA E 87 -11.75 -23.94 14.85
CA ALA E 87 -12.86 -23.52 14.00
C ALA E 87 -12.23 -23.07 12.67
N GLY E 88 -11.94 -24.06 11.84
CA GLY E 88 -11.00 -23.95 10.76
C GLY E 88 -9.86 -24.97 10.92
N THR E 89 -8.69 -24.61 10.40
CA THR E 89 -7.50 -25.44 10.54
C THR E 89 -6.30 -24.56 10.81
N ASN E 90 -5.51 -24.91 11.82
CA ASN E 90 -4.22 -24.26 12.01
C ASN E 90 -3.12 -25.15 11.42
N TYR E 91 -2.37 -24.62 10.45
CA TYR E 91 -1.27 -25.34 9.84
C TYR E 91 0.01 -24.90 10.52
N PHE E 92 0.65 -25.81 11.25
CA PHE E 92 1.97 -25.55 11.80
C PHE E 92 2.97 -26.17 10.85
N ALA E 93 3.85 -25.34 10.28
CA ALA E 93 4.72 -25.85 9.25
C ALA E 93 6.15 -25.51 9.59
N LYS E 94 7.04 -26.45 9.26
CA LYS E 94 8.48 -26.24 9.25
C LYS E 94 8.87 -25.82 7.84
N VAL E 95 9.45 -24.61 7.71
CA VAL E 95 9.71 -23.98 6.42
C VAL E 95 11.21 -23.78 6.23
N LYS E 96 11.73 -24.28 5.13
CA LYS E 96 13.02 -23.86 4.61
C LYS E 96 12.90 -22.49 3.92
N VAL E 97 13.69 -21.51 4.34
CA VAL E 97 13.67 -20.17 3.77
C VAL E 97 14.95 -19.91 3.01
N ASN E 98 14.82 -19.50 1.74
CA ASN E 98 15.93 -19.20 0.83
C ASN E 98 16.94 -20.34 0.76
N ASN E 99 16.46 -21.56 0.96
CA ASN E 99 17.29 -22.77 1.04
C ASN E 99 18.51 -22.52 1.92
N ASP E 100 18.24 -22.11 3.15
CA ASP E 100 19.37 -21.81 4.03
C ASP E 100 19.02 -21.96 5.50
N HIS E 101 17.79 -21.63 5.88
CA HIS E 101 17.46 -21.76 7.30
C HIS E 101 16.00 -22.15 7.49
N TYR E 102 15.73 -22.72 8.65
CA TYR E 102 14.39 -23.15 8.99
C TYR E 102 13.73 -22.17 9.94
N ILE E 103 12.42 -21.98 9.72
CA ILE E 103 11.51 -21.35 10.66
C ILE E 103 10.30 -22.27 10.81
N HIS E 104 9.49 -21.98 11.82
CA HIS E 104 8.19 -22.61 11.98
C HIS E 104 7.14 -21.53 11.82
N THR E 105 6.09 -21.83 11.07
CA THR E 105 5.04 -20.87 10.83
C THR E 105 3.70 -21.48 11.27
N ARG E 106 2.75 -20.62 11.69
CA ARG E 106 1.40 -21.02 12.05
C ARG E 106 0.42 -20.30 11.12
N VAL E 107 -0.25 -21.05 10.26
CA VAL E 107 -1.10 -20.48 9.23
C VAL E 107 -2.53 -20.92 9.48
N TYR E 108 -3.41 -19.95 9.66
CA TYR E 108 -4.80 -20.23 9.93
C TYR E 108 -5.62 -20.22 8.65
N GLU E 109 -6.36 -21.30 8.43
CA GLU E 109 -7.31 -21.44 7.33
C GLU E 109 -8.74 -21.38 7.88
N GLN E 110 -9.47 -20.30 7.59
CA GLN E 110 -10.87 -20.23 8.00
C GLN E 110 -11.68 -21.32 7.28
N LEU E 111 -12.84 -21.66 7.86
CA LEU E 111 -13.69 -22.68 7.25
C LEU E 111 -14.32 -22.13 5.98
N PRO E 112 -14.54 -22.98 4.97
CA PRO E 112 -15.09 -22.51 3.70
C PRO E 112 -16.27 -21.56 3.87
N CYS E 113 -17.23 -21.96 4.71
CA CYS E 113 -18.43 -21.18 4.97
C CYS E 113 -18.18 -19.98 5.88
N TYR E 114 -16.97 -19.82 6.43
CA TYR E 114 -16.60 -18.59 7.13
C TYR E 114 -15.59 -17.74 6.35
N GLY E 115 -15.52 -17.94 5.04
CA GLY E 115 -14.68 -17.13 4.18
C GLY E 115 -13.59 -17.91 3.49
N GLY E 116 -13.14 -19.02 4.07
CA GLY E 116 -12.10 -19.78 3.41
C GLY E 116 -10.77 -19.07 3.19
N ALA E 117 -10.50 -17.96 3.87
CA ALA E 117 -9.21 -17.32 3.68
C ALA E 117 -8.12 -17.98 4.54
N LEU E 118 -6.88 -17.93 4.04
CA LEU E 118 -5.66 -18.31 4.75
C LEU E 118 -4.89 -17.07 5.18
N GLU E 119 -4.54 -17.00 6.45
CA GLU E 119 -3.84 -15.88 7.06
C GLU E 119 -2.64 -16.40 7.85
N LEU E 120 -1.47 -15.88 7.54
CA LEU E 120 -0.30 -16.11 8.37
C LEU E 120 -0.52 -15.49 9.75
N HIS E 121 -0.52 -16.33 10.80
CA HIS E 121 -0.75 -15.90 12.17
C HIS E 121 0.53 -15.48 12.90
N SER E 122 1.60 -16.24 12.76
CA SER E 122 2.81 -16.04 13.56
C SER E 122 3.88 -17.03 13.12
N VAL E 123 5.06 -16.84 13.70
CA VAL E 123 6.28 -17.47 13.22
C VAL E 123 7.14 -17.79 14.45
N GLN E 124 7.94 -18.85 14.34
CA GLN E 124 9.10 -19.04 15.21
C GLN E 124 10.36 -19.00 14.37
N MET E 125 11.30 -18.17 14.77
CA MET E 125 12.56 -18.05 14.05
C MET E 125 13.62 -18.94 14.64
N ASN E 126 14.71 -19.10 13.89
CA ASN E 126 15.92 -19.83 14.28
C ASN E 126 15.60 -21.25 14.76
N LYS E 127 15.20 -22.05 13.80
CA LYS E 127 14.83 -23.43 14.04
C LYS E 127 15.76 -24.32 13.23
N THR E 128 15.92 -25.56 13.67
CA THR E 128 16.74 -26.54 12.96
C THR E 128 15.84 -27.45 12.13
N ASP E 129 16.48 -28.23 11.27
CA ASP E 129 15.70 -29.20 10.51
C ASP E 129 15.11 -30.29 11.40
N THR E 130 15.49 -30.35 12.67
CA THR E 130 15.09 -31.44 13.56
C THR E 130 14.32 -30.95 14.79
N ASP E 131 14.17 -29.64 14.97
CA ASP E 131 13.36 -29.13 16.07
C ASP E 131 11.95 -29.70 15.99
N PRO E 132 11.36 -30.05 17.14
CA PRO E 132 9.99 -30.58 17.12
C PRO E 132 9.01 -29.54 16.63
N LEU E 133 8.06 -29.99 15.83
CA LEU E 133 7.10 -29.10 15.21
C LEU E 133 5.93 -28.95 16.20
N ASP E 134 6.16 -28.10 17.20
CA ASP E 134 5.22 -27.95 18.30
C ASP E 134 4.23 -26.81 18.06
N TYR E 135 3.10 -26.92 18.75
CA TYR E 135 2.16 -25.81 18.83
C TYR E 135 2.86 -24.58 19.41
N PHE E 136 2.43 -23.42 18.93
CA PHE E 136 2.80 -22.18 19.59
C PHE E 136 1.77 -21.13 19.18
N ILE F 39 20.79 17.10 -30.87
CA ILE F 39 21.05 15.95 -30.06
C ILE F 39 20.10 15.96 -28.85
N CYS F 40 19.81 17.14 -28.26
CA CYS F 40 18.77 17.16 -27.23
C CYS F 40 17.44 16.85 -27.88
N GLY F 41 16.81 15.78 -27.44
CA GLY F 41 15.55 15.33 -27.97
C GLY F 41 15.69 14.36 -29.13
N GLY F 42 16.92 14.07 -29.54
CA GLY F 42 17.13 13.18 -30.67
C GLY F 42 16.92 11.72 -30.29
N ILE F 43 16.28 10.98 -31.18
CA ILE F 43 16.13 9.54 -31.05
C ILE F 43 17.30 8.85 -31.75
N SER F 44 17.73 7.74 -31.19
CA SER F 44 18.70 6.90 -31.87
C SER F 44 17.97 5.93 -32.79
N ALA F 45 18.74 5.13 -33.51
CA ALA F 45 18.20 4.08 -34.35
C ALA F 45 17.94 2.82 -33.51
N ALA F 46 16.87 2.11 -33.85
CA ALA F 46 16.50 0.91 -33.10
C ALA F 46 17.59 -0.15 -33.16
N ARG F 47 18.15 -0.50 -32.01
CA ARG F 47 19.18 -1.52 -31.91
C ARG F 47 18.70 -2.64 -30.99
N ILE F 48 19.60 -3.54 -30.65
CA ILE F 48 19.32 -4.67 -29.77
C ILE F 48 19.85 -4.34 -28.38
N PRO F 49 19.06 -4.57 -27.32
CA PRO F 49 19.47 -4.06 -26.00
C PRO F 49 20.68 -4.80 -25.45
N THR F 50 21.45 -4.09 -24.63
CA THR F 50 22.45 -4.77 -23.83
C THR F 50 21.79 -5.74 -22.86
N ALA F 51 22.59 -6.65 -22.31
CA ALA F 51 22.14 -7.48 -21.20
C ALA F 51 21.62 -6.62 -20.06
N ASP F 52 22.45 -5.74 -19.50
CA ASP F 52 22.01 -5.02 -18.31
C ASP F 52 21.13 -3.82 -18.65
N GLU F 53 20.91 -3.51 -19.93
CA GLU F 53 19.74 -2.72 -20.31
C GLU F 53 18.47 -3.56 -20.16
N LYS F 54 18.57 -4.89 -20.35
CA LYS F 54 17.44 -5.75 -20.05
C LYS F 54 17.25 -5.89 -18.54
N LYS F 55 18.34 -6.14 -17.80
CA LYS F 55 18.25 -6.24 -16.35
C LYS F 55 17.73 -4.96 -15.72
N LYS F 56 17.87 -3.82 -16.41
CA LYS F 56 17.39 -2.54 -15.93
C LYS F 56 15.91 -2.35 -16.24
N LEU F 57 15.51 -2.71 -17.44
CA LEU F 57 14.21 -2.31 -17.96
C LEU F 57 13.13 -3.35 -17.64
N GLU F 58 13.46 -4.64 -17.83
CA GLU F 58 12.44 -5.68 -17.66
C GLU F 58 11.83 -5.71 -16.26
N PRO F 59 12.58 -5.61 -15.16
CA PRO F 59 11.91 -5.58 -13.85
C PRO F 59 10.97 -4.40 -13.71
N VAL F 60 11.35 -3.23 -14.24
CA VAL F 60 10.46 -2.07 -14.20
C VAL F 60 9.19 -2.34 -14.98
N LEU F 61 9.32 -3.04 -16.12
CA LEU F 61 8.15 -3.39 -16.91
C LEU F 61 7.28 -4.43 -16.20
N LEU F 62 7.88 -5.49 -15.63
CA LEU F 62 7.09 -6.52 -14.95
C LEU F 62 6.23 -5.92 -13.84
N GLN F 63 6.84 -5.10 -12.98
CA GLN F 63 6.16 -4.52 -11.83
C GLN F 63 5.15 -3.44 -12.18
N SER F 64 5.25 -2.77 -13.35
CA SER F 64 4.47 -1.56 -13.59
C SER F 64 3.55 -1.64 -14.81
N LEU F 65 3.64 -2.70 -15.61
CA LEU F 65 2.87 -2.77 -16.83
C LEU F 65 1.36 -2.81 -16.57
N TYR F 66 0.94 -3.34 -15.41
CA TYR F 66 -0.46 -3.66 -15.14
C TYR F 66 -1.40 -2.50 -15.39
N ALA F 67 -1.16 -1.37 -14.72
CA ALA F 67 -2.01 -0.20 -14.90
C ALA F 67 -2.13 0.22 -16.38
N HIS F 68 -1.10 -0.06 -17.20
CA HIS F 68 -1.11 0.30 -18.62
C HIS F 68 -1.77 -0.78 -19.47
N LEU F 69 -1.58 -2.03 -19.12
CA LEU F 69 -2.07 -3.13 -19.95
C LEU F 69 -3.46 -3.58 -19.57
N GLY F 70 -3.87 -3.42 -18.30
CA GLY F 70 -5.10 -4.01 -17.80
C GLY F 70 -4.97 -5.46 -17.40
N SER F 71 -3.75 -5.97 -17.31
CA SER F 71 -3.44 -7.36 -17.04
C SER F 71 -2.05 -7.41 -16.43
N LYS F 72 -1.79 -8.40 -15.58
CA LYS F 72 -0.46 -8.59 -15.04
C LYS F 72 0.33 -9.49 -15.99
N PRO F 73 1.44 -9.02 -16.54
CA PRO F 73 2.18 -9.89 -17.45
C PRO F 73 3.02 -10.89 -16.69
N THR F 74 3.25 -12.02 -17.35
CA THR F 74 4.06 -13.10 -16.80
C THR F 74 5.51 -13.06 -17.30
N SER F 75 5.72 -12.67 -18.55
CA SER F 75 7.04 -12.44 -19.10
C SER F 75 7.05 -11.07 -19.75
N ALA F 76 8.19 -10.38 -19.66
CA ALA F 76 8.39 -9.16 -20.44
C ALA F 76 9.87 -9.10 -20.80
N GLU F 77 10.19 -9.31 -22.07
CA GLU F 77 11.56 -9.20 -22.52
C GLU F 77 11.66 -8.04 -23.51
N VAL F 78 12.70 -7.24 -23.36
CA VAL F 78 12.99 -6.20 -24.32
C VAL F 78 13.58 -6.86 -25.56
N VAL F 79 12.90 -6.72 -26.69
CA VAL F 79 13.39 -7.33 -27.91
C VAL F 79 14.24 -6.34 -28.70
N LEU F 80 13.85 -5.08 -28.64
CA LEU F 80 14.45 -4.00 -29.42
C LEU F 80 14.33 -2.73 -28.59
N VAL F 81 15.40 -1.94 -28.56
CA VAL F 81 15.44 -0.71 -27.77
C VAL F 81 16.01 0.43 -28.62
N ALA F 82 15.40 1.61 -28.50
CA ALA F 82 15.92 2.86 -29.05
C ALA F 82 15.86 3.93 -27.97
N THR F 83 16.90 4.77 -27.91
CA THR F 83 17.10 5.73 -26.83
C THR F 83 16.95 7.16 -27.34
N GLN F 84 16.28 8.00 -26.53
CA GLN F 84 16.10 9.41 -26.82
C GLN F 84 16.70 10.22 -25.67
N VAL F 85 17.66 11.09 -25.98
CA VAL F 85 18.27 11.94 -24.98
C VAL F 85 17.29 13.04 -24.61
N VAL F 86 17.18 13.33 -23.32
CA VAL F 86 16.35 14.40 -22.80
C VAL F 86 17.18 14.92 -21.65
N ALA F 87 16.55 15.46 -20.61
CA ALA F 87 17.24 15.60 -19.34
C ALA F 87 17.12 14.21 -18.68
N GLY F 88 17.99 13.31 -19.12
CA GLY F 88 17.83 11.91 -18.83
C GLY F 88 17.71 11.13 -20.13
N THR F 89 17.06 9.97 -20.09
CA THR F 89 16.91 9.14 -21.28
C THR F 89 15.51 8.57 -21.32
N ASN F 90 14.85 8.75 -22.45
CA ASN F 90 13.62 8.03 -22.75
C ASN F 90 13.98 6.78 -23.53
N TYR F 91 13.75 5.62 -22.93
CA TYR F 91 13.94 4.34 -23.58
C TYR F 91 12.64 3.98 -24.29
N PHE F 92 12.75 3.60 -25.54
CA PHE F 92 11.61 3.06 -26.28
C PHE F 92 11.95 1.63 -26.62
N ALA F 93 11.20 0.69 -26.06
CA ALA F 93 11.41 -0.71 -26.34
C ALA F 93 10.26 -1.25 -27.19
N LYS F 94 10.59 -2.26 -27.98
CA LYS F 94 9.60 -3.25 -28.38
C LYS F 94 9.74 -4.41 -27.41
N VAL F 95 8.62 -4.82 -26.82
CA VAL F 95 8.64 -5.78 -25.72
C VAL F 95 7.73 -6.94 -26.06
N LYS F 96 8.26 -8.16 -25.89
CA LYS F 96 7.47 -9.39 -25.97
C LYS F 96 6.74 -9.61 -24.65
N VAL F 97 5.41 -9.58 -24.69
CA VAL F 97 4.58 -9.73 -23.50
C VAL F 97 4.11 -11.17 -23.41
N ASN F 98 4.46 -11.83 -22.31
CA ASN F 98 4.17 -13.24 -22.05
C ASN F 98 4.83 -14.03 -23.18
N ASN F 99 4.13 -15.01 -23.75
CA ASN F 99 4.72 -15.77 -24.85
C ASN F 99 4.61 -15.01 -26.17
N ASP F 100 3.66 -14.10 -26.26
CA ASP F 100 2.91 -13.88 -27.49
C ASP F 100 3.09 -12.44 -27.95
N HIS F 101 2.12 -11.56 -27.69
CA HIS F 101 1.93 -10.34 -28.45
C HIS F 101 2.94 -9.24 -28.08
N TYR F 102 3.18 -8.35 -29.03
CA TYR F 102 4.20 -7.34 -28.84
C TYR F 102 3.57 -6.02 -28.39
N ILE F 103 4.33 -5.27 -27.59
CA ILE F 103 4.00 -3.87 -27.31
C ILE F 103 5.25 -3.00 -27.42
N HIS F 104 5.02 -1.70 -27.40
CA HIS F 104 6.07 -0.71 -27.30
C HIS F 104 5.91 0.05 -25.99
N THR F 105 7.02 0.30 -25.32
CA THR F 105 7.04 0.99 -24.03
C THR F 105 7.99 2.18 -24.07
N ARG F 106 7.63 3.24 -23.33
CA ARG F 106 8.47 4.40 -23.11
C ARG F 106 8.83 4.42 -21.64
N VAL F 107 10.12 4.21 -21.32
CA VAL F 107 10.60 4.24 -19.94
C VAL F 107 11.57 5.40 -19.77
N TYR F 108 11.27 6.28 -18.82
CA TYR F 108 12.11 7.41 -18.48
C TYR F 108 13.10 7.05 -17.38
N GLU F 109 14.38 7.33 -17.62
CA GLU F 109 15.43 7.17 -16.63
C GLU F 109 15.97 8.56 -16.31
N GLN F 110 15.90 8.95 -15.05
CA GLN F 110 16.48 10.23 -14.64
C GLN F 110 18.01 10.15 -14.72
N LEU F 111 18.64 11.31 -14.93
CA LEU F 111 20.08 11.40 -14.84
C LEU F 111 20.54 11.01 -13.44
N PRO F 112 21.76 10.50 -13.30
CA PRO F 112 22.24 10.12 -11.96
C PRO F 112 22.18 11.27 -10.96
N CYS F 113 22.60 12.48 -11.34
CA CYS F 113 22.58 13.53 -10.34
C CYS F 113 21.20 14.12 -10.15
N TYR F 114 20.21 13.66 -10.90
CA TYR F 114 18.82 14.05 -10.69
C TYR F 114 18.00 12.93 -10.07
N GLY F 115 18.65 11.87 -9.56
CA GLY F 115 18.01 10.84 -8.77
C GLY F 115 18.12 9.47 -9.39
N GLY F 116 18.17 9.39 -10.70
CA GLY F 116 18.37 8.11 -11.34
C GLY F 116 17.21 7.15 -11.28
N ALA F 117 15.98 7.63 -11.08
CA ALA F 117 14.82 6.74 -11.08
C ALA F 117 14.48 6.23 -12.49
N LEU F 118 14.02 4.98 -12.56
CA LEU F 118 13.35 4.43 -13.74
C LEU F 118 11.86 4.39 -13.51
N GLU F 119 11.08 4.80 -14.51
CA GLU F 119 9.64 4.88 -14.37
C GLU F 119 9.01 4.70 -15.74
N LEU F 120 8.17 3.67 -15.85
CA LEU F 120 7.33 3.48 -17.02
C LEU F 120 6.46 4.71 -17.23
N HIS F 121 6.54 5.28 -18.42
CA HIS F 121 5.81 6.49 -18.74
C HIS F 121 4.49 6.18 -19.44
N SER F 122 4.51 5.28 -20.41
CA SER F 122 3.36 5.05 -21.28
C SER F 122 3.76 3.90 -22.19
N VAL F 123 2.77 3.35 -22.88
CA VAL F 123 2.94 2.16 -23.70
C VAL F 123 2.15 2.32 -24.98
N GLN F 124 2.49 1.51 -25.99
CA GLN F 124 1.65 1.31 -27.16
C GLN F 124 1.31 -0.17 -27.29
N MET F 125 0.04 -0.46 -27.58
CA MET F 125 -0.55 -1.77 -27.31
C MET F 125 -0.76 -2.65 -28.54
N ASN F 126 -1.12 -2.11 -29.71
CA ASN F 126 -1.53 -2.98 -30.81
C ASN F 126 -0.36 -3.47 -31.68
N LYS F 127 0.82 -3.67 -31.10
CA LYS F 127 2.02 -3.74 -31.90
C LYS F 127 2.25 -5.14 -32.48
N THR F 128 3.04 -5.15 -33.56
CA THR F 128 3.54 -6.26 -34.37
C THR F 128 5.01 -6.48 -33.98
N ASP F 129 5.65 -7.44 -34.63
CA ASP F 129 7.07 -7.74 -34.38
C ASP F 129 8.01 -6.76 -35.09
N THR F 130 7.52 -5.99 -36.08
CA THR F 130 8.45 -5.09 -36.77
C THR F 130 7.93 -3.69 -37.03
N ASP F 131 6.75 -3.32 -36.54
CA ASP F 131 6.33 -1.94 -36.67
C ASP F 131 7.40 -1.01 -36.09
N PRO F 132 7.55 0.20 -36.64
CA PRO F 132 8.71 1.00 -36.29
C PRO F 132 8.73 1.36 -34.80
N LEU F 133 9.88 1.10 -34.18
CA LEU F 133 10.16 1.63 -32.85
C LEU F 133 10.32 3.14 -33.00
N ASP F 134 9.19 3.83 -33.00
CA ASP F 134 9.22 5.27 -33.21
C ASP F 134 8.66 5.97 -31.96
N TYR F 135 8.81 7.29 -31.94
CA TYR F 135 8.58 8.03 -30.71
C TYR F 135 7.08 8.18 -30.43
N PHE F 136 6.74 8.19 -29.13
CA PHE F 136 5.42 8.60 -28.63
C PHE F 136 5.54 9.08 -27.18
#